data_3K3L
#
_entry.id   3K3L
#
_cell.length_a   114.200
_cell.length_b   114.200
_cell.length_c   119.300
_cell.angle_alpha   90.00
_cell.angle_beta   90.00
_cell.angle_gamma   90.00
#
_symmetry.space_group_name_H-M   'P 41 21 2'
#
loop_
_entity.id
_entity.type
_entity.pdbx_description
1 polymer 'Neutrophil gelatinase-associated lipocalin'
2 non-polymer '2-(2,3-DIHYDROXY-BENZOYLAMINO)-3-HYDROXY-PROPIONIC ACID'
3 non-polymer '2,3-DIHYDROXY-BENZOIC ACID'
4 non-polymer GLYCEROL
5 non-polymer 'SODIUM ION'
6 non-polymer 'SULFATE ION'
7 non-polymer N-[(2,3-dihydroxyphenyl)carbonyl]-O-[(2S)-2-{[(2,3-dihydroxyphenyl)carbonyl]amino}-3-(L-seryloxy)propanoyl]-L-serine
8 non-polymer 'CHLORIDE ION'
9 water water
#
_entity_poly.entity_id   1
_entity_poly.type   'polypeptide(L)'
_entity_poly.pdbx_seq_one_letter_code
;QDSTSDLIPAPPLSKVPLQQNFQDNQFQGKWYVVGLAGNAILREDKDPQKMYATIYELKEDKSYNVTSVLFRKKKCDYWI
RTFVPGSQPGEFTLGNIKSYPGLTSYLVRVVSTNYNQHAMVFFKKVSQNREYFKITLYGRTKELTSELKENFIRFSKSLG
LPENHIVFPVPIDQCIDG
;
_entity_poly.pdbx_strand_id   A,B,C
#
loop_
_chem_comp.id
_chem_comp.type
_chem_comp.name
_chem_comp.formula
CL non-polymer 'CHLORIDE ION' 'Cl -1'
DBH non-polymer '2,3-DIHYDROXY-BENZOIC ACID' 'C7 H6 O4'
GOL non-polymer GLYCEROL 'C3 H8 O3'
MCK non-polymer N-[(2,3-dihydroxyphenyl)carbonyl]-O-[(2S)-2-{[(2,3-dihydroxyphenyl)carbonyl]amino}-3-(L-seryloxy)propanoyl]-L-serine 'C23 H25 N3 O13'
NA non-polymer 'SODIUM ION' 'Na 1'
SO4 non-polymer 'SULFATE ION' 'O4 S -2'
#
# COMPACT_ATOMS: atom_id res chain seq x y z
N THR A 4 -13.22 37.09 5.85
CA THR A 4 -12.54 36.38 6.97
C THR A 4 -12.10 34.97 6.55
N SER A 5 -10.90 34.60 6.96
CA SER A 5 -10.35 33.27 6.69
C SER A 5 -9.26 32.95 7.72
N ASP A 6 -9.40 31.81 8.40
CA ASP A 6 -8.42 31.35 9.38
C ASP A 6 -7.67 30.16 8.81
N LEU A 7 -6.34 30.26 8.77
CA LEU A 7 -5.50 29.21 8.19
C LEU A 7 -4.44 28.75 9.19
N ILE A 8 -4.21 27.44 9.22
CA ILE A 8 -3.06 26.89 9.93
C ILE A 8 -1.82 27.44 9.21
N PRO A 9 -0.82 27.93 9.97
CA PRO A 9 0.30 28.58 9.30
C PRO A 9 1.13 27.61 8.45
N ALA A 10 1.69 28.12 7.35
CA ALA A 10 2.56 27.33 6.50
C ALA A 10 3.82 26.97 7.28
N PRO A 11 4.32 25.73 7.11
CA PRO A 11 5.49 25.32 7.86
C PRO A 11 6.75 25.98 7.32
N PRO A 12 7.77 26.16 8.19
CA PRO A 12 9.05 26.61 7.65
C PRO A 12 9.64 25.55 6.75
N LEU A 13 10.26 26.00 5.65
CA LEU A 13 10.88 25.08 4.69
C LEU A 13 11.83 24.07 5.36
N SER A 14 12.34 24.43 6.54
CA SER A 14 13.23 23.56 7.30
CA SER A 14 13.22 23.57 7.31
C SER A 14 12.58 22.22 7.65
N LYS A 15 11.26 22.20 7.79
CA LYS A 15 10.52 20.98 8.12
C LYS A 15 10.00 20.20 6.90
N VAL A 16 10.36 20.66 5.70
CA VAL A 16 9.95 20.01 4.46
C VAL A 16 11.19 19.46 3.74
N PRO A 17 11.45 18.15 3.86
CA PRO A 17 12.62 17.57 3.19
C PRO A 17 12.60 17.72 1.68
N LEU A 18 13.79 17.62 1.07
CA LEU A 18 13.94 17.60 -0.37
C LEU A 18 14.43 16.22 -0.78
N GLN A 19 13.84 15.65 -1.82
CA GLN A 19 14.29 14.37 -2.36
C GLN A 19 15.70 14.54 -2.91
N GLN A 20 16.63 13.72 -2.42
CA GLN A 20 18.01 13.80 -2.85
C GLN A 20 18.15 13.31 -4.29
N ASN A 21 19.04 13.94 -5.04
CA ASN A 21 19.41 13.48 -6.37
C ASN A 21 18.18 13.37 -7.29
N PHE A 22 17.42 14.46 -7.39
CA PHE A 22 16.15 14.44 -8.11
C PHE A 22 16.31 14.22 -9.61
N GLN A 23 15.76 13.11 -10.09
CA GLN A 23 15.75 12.80 -11.52
C GLN A 23 14.44 13.28 -12.15
N ASP A 24 14.48 14.46 -12.74
CA ASP A 24 13.29 15.07 -13.33
C ASP A 24 12.67 14.23 -14.44
N ASN A 25 13.52 13.55 -15.21
CA ASN A 25 13.04 12.66 -16.27
C ASN A 25 12.25 11.47 -15.73
N GLN A 26 12.68 10.91 -14.60
CA GLN A 26 11.96 9.78 -13.97
C GLN A 26 10.66 10.20 -13.27
N PHE A 27 10.52 11.48 -12.97
CA PHE A 27 9.30 12.00 -12.34
C PHE A 27 8.21 12.30 -13.37
N GLN A 28 8.57 12.29 -14.65
CA GLN A 28 7.60 12.51 -15.73
C GLN A 28 6.48 11.48 -15.69
N GLY A 29 5.35 11.83 -16.30
CA GLY A 29 4.23 10.90 -16.45
C GLY A 29 3.07 11.13 -15.51
N LYS A 30 2.14 10.19 -15.50
CA LYS A 30 0.91 10.34 -14.73
C LYS A 30 1.07 9.91 -13.28
N TRP A 31 0.62 10.76 -12.38
CA TRP A 31 0.56 10.46 -10.96
C TRP A 31 -0.89 10.58 -10.51
N TYR A 32 -1.35 9.63 -9.70
CA TYR A 32 -2.68 9.71 -9.09
C TYR A 32 -2.58 10.38 -7.72
N VAL A 33 -3.48 11.32 -7.47
CA VAL A 33 -3.54 11.98 -6.18
C VAL A 33 -4.29 11.06 -5.21
N VAL A 34 -3.52 10.20 -4.53
CA VAL A 34 -4.09 9.24 -3.58
C VAL A 34 -4.30 9.87 -2.20
N GLY A 35 -3.56 10.94 -1.91
CA GLY A 35 -3.71 11.64 -0.63
C GLY A 35 -3.55 13.14 -0.77
N LEU A 36 -4.44 13.89 -0.12
CA LEU A 36 -4.39 15.35 -0.11
C LEU A 36 -4.41 15.88 1.32
N ALA A 37 -3.46 16.77 1.63
CA ALA A 37 -3.42 17.44 2.93
C ALA A 37 -3.03 18.90 2.73
N GLY A 38 -3.56 19.78 3.58
CA GLY A 38 -3.23 21.20 3.49
C GLY A 38 -4.13 22.06 4.35
N ASN A 39 -3.72 23.32 4.54
CA ASN A 39 -4.47 24.24 5.40
C ASN A 39 -5.81 24.71 4.82
N ALA A 40 -5.99 24.51 3.51
CA ALA A 40 -7.27 24.82 2.85
C ALA A 40 -8.07 23.56 2.47
N ILE A 41 -7.52 22.38 2.75
CA ILE A 41 -8.18 21.10 2.44
C ILE A 41 -8.98 20.61 3.65
N LEU A 42 -10.25 20.30 3.44
CA LEU A 42 -11.13 19.82 4.50
C LEU A 42 -11.88 18.56 4.07
N ARG A 43 -11.91 17.58 4.99
CA ARG A 43 -12.67 16.35 4.80
C ARG A 43 -14.17 16.68 4.76
N GLU A 44 -14.88 16.10 3.79
CA GLU A 44 -16.30 16.42 3.59
C GLU A 44 -17.09 15.20 3.09
N ASP A 45 -17.83 14.57 4.00
CA ASP A 45 -18.51 13.32 3.70
C ASP A 45 -19.84 13.47 2.96
N LYS A 46 -20.26 14.72 2.71
CA LYS A 46 -21.40 14.98 1.84
C LYS A 46 -21.01 14.58 0.42
N ASP A 47 -20.05 15.32 -0.14
CA ASP A 47 -19.40 14.92 -1.40
C ASP A 47 -17.92 14.70 -1.14
N PRO A 48 -17.56 13.46 -0.74
CA PRO A 48 -16.15 13.13 -0.60
C PRO A 48 -15.46 13.34 -1.93
N GLN A 49 -14.24 13.85 -1.87
CA GLN A 49 -13.51 14.25 -3.04
C GLN A 49 -13.12 13.07 -3.91
N LYS A 50 -13.40 13.18 -5.21
CA LYS A 50 -13.02 12.16 -6.16
C LYS A 50 -11.55 12.30 -6.53
N MET A 51 -10.92 11.17 -6.80
CA MET A 51 -9.52 11.16 -7.19
C MET A 51 -9.35 11.86 -8.53
N TYR A 52 -8.27 12.63 -8.63
CA TYR A 52 -7.84 13.22 -9.89
C TYR A 52 -6.40 12.83 -10.14
N ALA A 53 -5.92 13.12 -11.35
CA ALA A 53 -4.56 12.78 -11.74
C ALA A 53 -3.83 14.02 -12.22
N THR A 54 -2.52 14.03 -12.05
CA THR A 54 -1.68 15.11 -12.54
C THR A 54 -0.54 14.51 -13.36
N ILE A 55 -0.41 14.99 -14.60
CA ILE A 55 0.63 14.51 -15.52
C ILE A 55 1.77 15.52 -15.61
N TYR A 56 3.00 15.06 -15.36
CA TYR A 56 4.20 15.87 -15.49
C TYR A 56 4.94 15.51 -16.78
N GLU A 57 5.08 16.49 -17.68
CA GLU A 57 5.83 16.30 -18.91
C GLU A 57 6.90 17.38 -19.07
N LEU A 58 8.16 16.95 -19.10
CA LEU A 58 9.29 17.86 -19.34
C LEU A 58 9.26 18.40 -20.76
N LYS A 59 9.71 19.64 -20.92
CA LYS A 59 9.93 20.24 -22.24
C LYS A 59 11.44 20.23 -22.54
N GLU A 60 11.83 20.89 -23.62
CA GLU A 60 13.25 21.04 -23.95
C GLU A 60 13.98 21.85 -22.88
N ASP A 61 13.35 22.90 -22.38
CA ASP A 61 13.96 23.77 -21.37
C ASP A 61 13.85 23.24 -19.93
N LYS A 62 13.48 21.97 -19.78
CA LYS A 62 13.46 21.28 -18.49
C LYS A 62 12.42 21.82 -17.48
N SER A 63 11.47 22.61 -17.97
CA SER A 63 10.30 22.97 -17.18
C SER A 63 9.27 21.87 -17.38
N TYR A 64 8.33 21.77 -16.45
CA TYR A 64 7.24 20.79 -16.56
C TYR A 64 5.99 21.48 -17.10
N ASN A 65 5.36 20.88 -18.10
CA ASN A 65 3.97 21.16 -18.38
C ASN A 65 3.16 20.27 -17.45
N VAL A 66 2.41 20.88 -16.54
CA VAL A 66 1.69 20.15 -15.52
C VAL A 66 0.19 20.22 -15.79
N THR A 67 -0.39 19.09 -16.20
CA THR A 67 -1.79 19.00 -16.53
C THR A 67 -2.51 18.15 -15.50
N SER A 68 -3.42 18.77 -14.75
CA SER A 68 -4.28 18.04 -13.85
C SER A 68 -5.60 17.78 -14.55
N VAL A 69 -6.06 16.54 -14.49
CA VAL A 69 -7.32 16.17 -15.10
C VAL A 69 -8.22 15.62 -14.02
N LEU A 70 -9.44 16.13 -13.95
CA LEU A 70 -10.37 15.68 -12.92
C LEU A 70 -11.80 15.66 -13.41
N PHE A 71 -12.62 14.94 -12.67
CA PHE A 71 -13.98 14.63 -13.07
C PHE A 71 -14.99 15.44 -12.26
N ARG A 72 -15.63 16.42 -12.89
CA ARG A 72 -16.65 17.23 -12.23
C ARG A 72 -17.73 17.71 -13.21
N LYS A 73 -18.95 17.84 -12.70
CA LYS A 73 -20.13 18.19 -13.50
C LYS A 73 -20.30 17.25 -14.70
N LYS A 74 -20.04 15.96 -14.48
CA LYS A 74 -20.12 14.92 -15.51
C LYS A 74 -19.12 15.08 -16.68
N LYS A 75 -18.13 15.96 -16.54
CA LYS A 75 -17.15 16.20 -17.58
C LYS A 75 -15.72 16.15 -17.04
N CYS A 76 -14.75 16.08 -17.95
CA CYS A 76 -13.33 16.13 -17.61
C CYS A 76 -12.83 17.55 -17.75
N ASP A 77 -12.34 18.11 -16.65
CA ASP A 77 -11.75 19.45 -16.64
C ASP A 77 -10.23 19.32 -16.70
N TYR A 78 -9.61 20.14 -17.54
CA TYR A 78 -8.16 20.09 -17.72
C TYR A 78 -7.50 21.38 -17.23
N TRP A 79 -6.76 21.28 -16.13
CA TRP A 79 -6.11 22.43 -15.49
C TRP A 79 -4.62 22.39 -15.81
N ILE A 80 -4.15 23.38 -16.57
CA ILE A 80 -2.77 23.41 -17.08
C ILE A 80 -1.94 24.53 -16.43
N ARG A 81 -0.71 24.20 -16.03
CA ARG A 81 0.26 25.20 -15.59
C ARG A 81 1.69 24.69 -15.79
N THR A 82 2.66 25.59 -15.63
CA THR A 82 4.06 25.26 -15.82
C THR A 82 4.84 25.38 -14.52
N PHE A 83 5.65 24.35 -14.21
CA PHE A 83 6.58 24.41 -13.09
C PHE A 83 7.98 24.71 -13.61
N VAL A 84 8.51 25.87 -13.25
CA VAL A 84 9.86 26.28 -13.63
C VAL A 84 10.85 25.80 -12.57
N PRO A 85 11.97 25.15 -12.98
CA PRO A 85 12.95 24.63 -12.03
C PRO A 85 13.45 25.70 -11.05
N GLY A 86 13.52 25.34 -9.78
CA GLY A 86 13.80 26.30 -8.71
C GLY A 86 15.24 26.31 -8.25
N SER A 87 15.43 26.71 -6.99
CA SER A 87 16.75 26.88 -6.39
C SER A 87 17.61 25.61 -6.44
N GLN A 88 16.97 24.46 -6.29
CA GLN A 88 17.68 23.18 -6.28
C GLN A 88 16.82 22.08 -6.90
N PRO A 89 17.45 20.98 -7.36
CA PRO A 89 16.69 19.93 -8.04
C PRO A 89 15.57 19.36 -7.16
N GLY A 90 14.38 19.23 -7.75
CA GLY A 90 13.19 18.79 -7.01
C GLY A 90 12.37 19.94 -6.45
N GLU A 91 12.83 21.17 -6.70
CA GLU A 91 12.14 22.37 -6.25
C GLU A 91 11.73 23.19 -7.47
N PHE A 92 10.54 23.78 -7.43
CA PHE A 92 10.00 24.49 -8.58
C PHE A 92 9.22 25.74 -8.20
N THR A 93 9.06 26.65 -9.17
CA THR A 93 8.21 27.82 -9.03
C THR A 93 7.24 27.86 -10.22
N LEU A 94 6.18 28.65 -10.10
CA LEU A 94 5.13 28.69 -11.12
C LEU A 94 5.45 29.67 -12.23
N GLY A 95 5.41 29.19 -13.48
CA GLY A 95 5.64 30.04 -14.64
C GLY A 95 4.42 30.87 -14.99
N ASN A 96 4.66 32.07 -15.54
CA ASN A 96 3.60 33.00 -15.93
C ASN A 96 2.64 33.33 -14.77
N ILE A 97 3.23 33.71 -13.64
CA ILE A 97 2.47 33.97 -12.41
C ILE A 97 1.46 35.12 -12.54
N LYS A 98 1.77 36.09 -13.40
CA LYS A 98 0.90 37.25 -13.62
C LYS A 98 -0.47 36.91 -14.23
N SER A 99 -0.56 35.77 -14.90
CA SER A 99 -1.84 35.31 -15.47
C SER A 99 -2.79 34.73 -14.41
N TYR A 100 -2.33 34.63 -13.16
CA TYR A 100 -3.16 34.14 -12.06
C TYR A 100 -3.54 35.31 -11.13
N PRO A 101 -4.78 35.80 -11.24
CA PRO A 101 -5.19 36.97 -10.45
C PRO A 101 -5.08 36.73 -8.93
N GLY A 102 -4.35 37.61 -8.26
CA GLY A 102 -4.19 37.55 -6.81
C GLY A 102 -2.96 36.79 -6.36
N LEU A 103 -2.30 36.10 -7.29
CA LEU A 103 -1.20 35.20 -6.95
C LEU A 103 0.15 35.94 -6.94
N THR A 104 0.84 35.91 -5.81
CA THR A 104 2.12 36.59 -5.64
C THR A 104 3.31 35.64 -5.39
N SER A 105 3.01 34.39 -5.00
CA SER A 105 4.04 33.42 -4.68
C SER A 105 3.54 31.99 -4.90
N TYR A 106 4.43 31.12 -5.38
CA TYR A 106 4.12 29.70 -5.59
C TYR A 106 5.39 28.85 -5.53
N LEU A 107 5.46 27.95 -4.56
CA LEU A 107 6.60 27.05 -4.39
C LEU A 107 6.16 25.59 -4.47
N VAL A 108 6.97 24.77 -5.13
CA VAL A 108 6.78 23.33 -5.17
C VAL A 108 8.04 22.66 -4.70
N ARG A 109 7.90 21.63 -3.86
CA ARG A 109 9.05 20.84 -3.41
C ARG A 109 8.73 19.36 -3.32
N VAL A 110 9.45 18.55 -4.09
CA VAL A 110 9.27 17.10 -4.06
C VAL A 110 9.91 16.54 -2.79
N VAL A 111 9.08 16.26 -1.80
CA VAL A 111 9.55 15.79 -0.50
C VAL A 111 10.26 14.44 -0.60
N SER A 112 9.63 13.50 -1.30
CA SER A 112 10.22 12.17 -1.51
C SER A 112 9.53 11.44 -2.66
N THR A 113 10.27 10.56 -3.31
CA THR A 113 9.70 9.65 -4.31
C THR A 113 10.63 8.48 -4.59
N ASN A 114 10.05 7.35 -4.98
CA ASN A 114 10.82 6.26 -5.58
C ASN A 114 10.60 6.21 -7.10
N TYR A 115 9.90 7.22 -7.62
CA TYR A 115 9.69 7.42 -9.08
C TYR A 115 8.71 6.45 -9.74
N ASN A 116 8.71 5.18 -9.34
CA ASN A 116 7.91 4.15 -10.01
C ASN A 116 6.66 3.68 -9.26
N GLN A 117 6.47 4.14 -8.03
CA GLN A 117 5.29 3.78 -7.25
C GLN A 117 4.67 4.96 -6.49
N HIS A 118 5.49 5.67 -5.72
CA HIS A 118 4.98 6.70 -4.83
C HIS A 118 5.80 7.99 -4.87
N ALA A 119 5.18 9.05 -4.37
CA ALA A 119 5.83 10.36 -4.28
C ALA A 119 5.05 11.26 -3.33
N MET A 120 5.77 12.14 -2.65
CA MET A 120 5.16 13.19 -1.85
C MET A 120 5.68 14.53 -2.31
N VAL A 121 4.76 15.44 -2.60
CA VAL A 121 5.11 16.77 -3.07
C VAL A 121 4.49 17.81 -2.16
N PHE A 122 5.28 18.82 -1.82
CA PHE A 122 4.85 19.92 -0.97
C PHE A 122 4.63 21.16 -1.84
N PHE A 123 3.47 21.79 -1.71
CA PHE A 123 3.17 23.03 -2.43
C PHE A 123 2.91 24.16 -1.43
N LYS A 124 3.31 25.37 -1.81
CA LYS A 124 3.00 26.56 -1.01
C LYS A 124 2.71 27.74 -1.91
N LYS A 125 1.58 28.39 -1.70
CA LYS A 125 1.21 29.57 -2.48
C LYS A 125 0.68 30.72 -1.63
N VAL A 126 0.93 31.94 -2.09
CA VAL A 126 0.32 33.13 -1.49
C VAL A 126 -0.63 33.74 -2.51
N SER A 127 -1.92 33.64 -2.22
CA SER A 127 -2.99 34.15 -3.09
C SER A 127 -3.92 35.05 -2.28
N GLN A 128 -4.21 36.24 -2.81
CA GLN A 128 -4.91 37.29 -2.07
C GLN A 128 -4.28 37.53 -0.70
N ASN A 129 -2.95 37.50 -0.64
CA ASN A 129 -2.18 37.66 0.60
C ASN A 129 -2.38 36.55 1.65
N ARG A 130 -3.16 35.53 1.33
CA ARG A 130 -3.38 34.41 2.25
C ARG A 130 -2.41 33.29 1.89
N GLU A 131 -1.66 32.81 2.89
CA GLU A 131 -0.63 31.79 2.66
C GLU A 131 -1.20 30.38 2.74
N TYR A 132 -1.28 29.71 1.60
CA TYR A 132 -1.78 28.34 1.51
C TYR A 132 -0.64 27.36 1.30
N PHE A 133 -0.75 26.17 1.90
CA PHE A 133 0.16 25.07 1.59
C PHE A 133 -0.60 23.76 1.53
N LYS A 134 -0.04 22.80 0.79
CA LYS A 134 -0.64 21.49 0.70
C LYS A 134 0.40 20.41 0.39
N ILE A 135 0.05 19.17 0.72
CA ILE A 135 0.89 18.02 0.45
C ILE A 135 0.07 17.00 -0.31
N THR A 136 0.57 16.59 -1.49
CA THR A 136 -0.08 15.57 -2.29
C THR A 136 0.67 14.25 -2.13
N LEU A 137 -0.07 13.19 -1.81
CA LEU A 137 0.49 11.84 -1.85
C LEU A 137 0.27 11.38 -3.29
N TYR A 138 1.36 11.23 -4.02
CA TYR A 138 1.28 10.79 -5.41
C TYR A 138 1.43 9.29 -5.47
N GLY A 139 0.52 8.64 -6.20
CA GLY A 139 0.57 7.21 -6.44
C GLY A 139 0.67 6.93 -7.93
N ARG A 140 1.57 6.04 -8.30
CA ARG A 140 1.70 5.65 -9.70
C ARG A 140 0.47 4.84 -10.10
N THR A 141 -0.01 4.03 -9.16
CA THR A 141 -1.33 3.40 -9.25
C THR A 141 -2.29 4.15 -8.32
N LYS A 142 -3.57 3.77 -8.35
CA LYS A 142 -4.60 4.43 -7.54
C LYS A 142 -4.58 4.01 -6.07
N GLU A 143 -3.97 2.86 -5.77
CA GLU A 143 -3.86 2.36 -4.40
C GLU A 143 -2.41 2.37 -3.97
N LEU A 144 -2.17 2.66 -2.70
CA LEU A 144 -0.84 2.50 -2.10
C LEU A 144 -0.93 1.72 -0.80
N THR A 145 0.21 1.24 -0.32
CA THR A 145 0.26 0.47 0.92
C THR A 145 -0.15 1.33 2.12
N SER A 146 -0.68 0.69 3.15
CA SER A 146 -1.13 1.40 4.35
C SER A 146 0.03 2.03 5.11
N GLU A 147 1.23 1.48 4.93
CA GLU A 147 2.45 2.06 5.49
C GLU A 147 2.72 3.42 4.84
N LEU A 148 2.69 3.46 3.51
CA LEU A 148 2.94 4.70 2.76
C LEU A 148 1.88 5.77 3.06
N LYS A 149 0.64 5.33 3.23
CA LYS A 149 -0.44 6.25 3.60
C LYS A 149 -0.28 6.76 5.03
N GLU A 150 0.10 5.88 5.96
CA GLU A 150 0.35 6.27 7.35
C GLU A 150 1.56 7.22 7.46
N ASN A 151 2.57 7.00 6.63
CA ASN A 151 3.72 7.91 6.56
C ASN A 151 3.32 9.31 6.06
N PHE A 152 2.37 9.35 5.13
CA PHE A 152 1.84 10.62 4.60
C PHE A 152 1.02 11.35 5.67
N ILE A 153 0.24 10.60 6.46
CA ILE A 153 -0.45 11.16 7.62
C ILE A 153 0.58 11.65 8.64
N ARG A 154 1.62 10.85 8.85
CA ARG A 154 2.71 11.21 9.76
C ARG A 154 3.33 12.55 9.36
N PHE A 155 3.69 12.66 8.09
CA PHE A 155 4.37 13.86 7.58
C PHE A 155 3.46 15.10 7.58
N SER A 156 2.19 14.90 7.22
CA SER A 156 1.22 16.00 7.23
C SER A 156 1.06 16.59 8.62
N LYS A 157 1.02 15.72 9.63
CA LYS A 157 0.92 16.14 11.03
C LYS A 157 2.18 16.86 11.50
N SER A 158 3.33 16.40 11.03
CA SER A 158 4.61 17.03 11.37
C SER A 158 4.69 18.49 10.89
N LEU A 159 3.89 18.83 9.89
CA LEU A 159 3.80 20.21 9.38
C LEU A 159 2.62 20.98 10.00
N GLY A 160 1.94 20.38 10.98
CA GLY A 160 0.93 21.07 11.78
C GLY A 160 -0.53 20.81 11.42
N LEU A 161 -0.78 19.91 10.47
CA LEU A 161 -2.14 19.67 10.00
C LEU A 161 -2.82 18.60 10.86
N PRO A 162 -4.10 18.84 11.25
CA PRO A 162 -4.86 17.82 11.95
C PRO A 162 -5.44 16.77 10.99
N GLU A 163 -5.98 15.69 11.57
CA GLU A 163 -6.48 14.55 10.82
C GLU A 163 -7.51 14.96 9.76
N ASN A 164 -8.49 15.76 10.16
CA ASN A 164 -9.55 16.20 9.26
C ASN A 164 -9.11 17.20 8.19
N HIS A 165 -7.81 17.51 8.15
CA HIS A 165 -7.22 18.26 7.05
C HIS A 165 -6.38 17.35 6.14
N ILE A 166 -6.48 16.04 6.37
CA ILE A 166 -5.79 15.03 5.56
C ILE A 166 -6.85 14.12 4.92
N VAL A 167 -6.94 14.16 3.60
CA VAL A 167 -7.96 13.39 2.87
C VAL A 167 -7.34 12.42 1.87
N PHE A 168 -8.02 11.29 1.67
CA PHE A 168 -7.63 10.30 0.67
C PHE A 168 -8.76 10.19 -0.33
N PRO A 169 -8.60 10.81 -1.51
CA PRO A 169 -9.66 10.76 -2.51
C PRO A 169 -10.00 9.33 -2.95
N VAL A 170 -11.29 9.09 -3.16
CA VAL A 170 -11.76 7.77 -3.58
C VAL A 170 -11.43 7.56 -5.06
N PRO A 171 -10.87 6.38 -5.40
CA PRO A 171 -10.62 6.02 -6.80
C PRO A 171 -11.84 6.18 -7.71
N ILE A 172 -11.60 6.68 -8.92
CA ILE A 172 -12.61 6.68 -9.98
C ILE A 172 -11.95 6.22 -11.28
N ASP A 173 -12.78 5.97 -12.29
CA ASP A 173 -12.30 5.55 -13.61
C ASP A 173 -12.47 6.62 -14.68
N GLN A 174 -13.40 7.55 -14.48
CA GLN A 174 -13.64 8.63 -15.44
C GLN A 174 -12.45 9.58 -15.50
N CYS A 175 -12.10 9.99 -16.72
CA CYS A 175 -11.07 11.01 -16.99
C CYS A 175 -9.63 10.63 -16.62
N ILE A 176 -9.43 10.13 -15.41
CA ILE A 176 -8.08 9.84 -14.90
C ILE A 176 -7.48 8.56 -15.49
N ASP A 177 -8.32 7.79 -16.18
CA ASP A 177 -7.87 6.81 -17.16
C ASP A 177 -8.34 7.34 -18.52
N GLY A 178 -7.45 7.46 -19.52
CA GLY A 178 -6.02 7.19 -19.40
C GLY A 178 -5.28 7.77 -20.59
N ILE B 8 -22.11 7.45 19.35
CA ILE B 8 -21.10 6.37 19.17
C ILE B 8 -21.69 5.04 19.65
N PRO B 9 -22.49 4.38 18.79
CA PRO B 9 -23.11 3.10 19.15
C PRO B 9 -22.11 1.95 19.30
N ALA B 10 -22.46 0.95 20.11
CA ALA B 10 -21.64 -0.23 20.29
C ALA B 10 -21.86 -1.21 19.12
N PRO B 11 -20.77 -1.67 18.49
CA PRO B 11 -20.90 -2.52 17.32
C PRO B 11 -21.22 -3.97 17.70
N PRO B 12 -21.61 -4.79 16.70
CA PRO B 12 -21.84 -6.21 16.97
C PRO B 12 -20.54 -6.97 17.21
N LEU B 13 -20.66 -8.19 17.72
CA LEU B 13 -19.49 -9.04 17.98
C LEU B 13 -18.79 -9.47 16.69
N SER B 14 -19.50 -9.41 15.57
CA SER B 14 -18.95 -9.74 14.26
C SER B 14 -17.87 -8.76 13.82
N LYS B 15 -18.03 -7.48 14.15
CA LYS B 15 -17.04 -6.44 13.81
C LYS B 15 -16.00 -6.24 14.91
N VAL B 16 -15.89 -7.21 15.82
CA VAL B 16 -14.85 -7.22 16.85
C VAL B 16 -14.42 -8.67 17.10
N PRO B 17 -13.44 -9.16 16.31
CA PRO B 17 -13.11 -10.59 16.26
C PRO B 17 -12.43 -11.13 17.53
N LEU B 18 -12.28 -12.45 17.58
CA LEU B 18 -11.62 -13.13 18.70
C LEU B 18 -10.31 -13.78 18.25
N GLN B 19 -9.35 -13.84 19.16
CA GLN B 19 -8.03 -14.39 18.86
C GLN B 19 -8.09 -15.91 18.79
N GLN B 20 -7.61 -16.46 17.68
CA GLN B 20 -7.65 -17.91 17.43
C GLN B 20 -6.64 -18.64 18.33
N ASN B 21 -7.10 -19.69 19.00
CA ASN B 21 -6.26 -20.48 19.90
C ASN B 21 -5.63 -19.61 21.00
N PHE B 22 -6.47 -19.11 21.90
CA PHE B 22 -6.03 -18.23 22.97
C PHE B 22 -5.20 -18.97 24.01
N GLN B 23 -4.12 -18.35 24.46
CA GLN B 23 -3.23 -18.94 25.46
C GLN B 23 -3.30 -18.14 26.75
N ASP B 24 -4.10 -18.65 27.70
CA ASP B 24 -4.29 -17.99 29.00
C ASP B 24 -3.00 -17.96 29.83
N ASN B 25 -2.17 -18.99 29.70
CA ASN B 25 -0.89 -19.08 30.39
C ASN B 25 0.13 -18.09 29.83
N GLN B 26 0.15 -17.95 28.50
CA GLN B 26 1.05 -17.01 27.83
C GLN B 26 0.50 -15.58 27.77
N PHE B 27 -0.71 -15.37 28.30
CA PHE B 27 -1.37 -14.08 28.24
C PHE B 27 -2.13 -13.73 29.54
N GLN B 28 -1.43 -13.54 30.66
CA GLN B 28 0.03 -13.70 30.78
C GLN B 28 0.49 -13.26 32.18
N GLY B 29 0.50 -11.95 32.41
CA GLY B 29 0.99 -11.37 33.67
C GLY B 29 0.54 -9.93 33.86
N LYS B 30 1.45 -8.99 33.65
CA LYS B 30 1.16 -7.57 33.81
C LYS B 30 1.25 -6.85 32.47
N TRP B 31 0.24 -6.04 32.16
CA TRP B 31 0.16 -5.33 30.88
C TRP B 31 0.13 -3.81 31.09
N TYR B 32 1.02 -3.12 30.38
CA TYR B 32 1.01 -1.66 30.34
C TYR B 32 0.00 -1.20 29.30
N VAL B 33 -1.05 -0.51 29.76
CA VAL B 33 -2.11 -0.02 28.87
C VAL B 33 -1.61 1.16 28.04
N VAL B 34 -1.48 0.94 26.73
CA VAL B 34 -1.01 1.98 25.80
C VAL B 34 -2.06 2.32 24.76
N GLY B 35 -3.33 2.26 25.16
CA GLY B 35 -4.45 2.55 24.26
C GLY B 35 -5.76 2.62 25.00
N LEU B 36 -6.55 3.66 24.73
CA LEU B 36 -7.84 3.86 25.38
C LEU B 36 -8.89 4.32 24.35
N ALA B 37 -9.47 3.33 23.66
CA ALA B 37 -10.50 3.60 22.65
C ALA B 37 -11.83 3.92 23.33
N ASN B 39 -16.92 4.46 23.06
CA ASN B 39 -18.22 5.10 23.24
C ASN B 39 -18.11 6.38 24.06
N ALA B 40 -17.65 6.23 25.31
CA ALA B 40 -17.33 7.38 26.17
C ALA B 40 -15.81 7.53 26.26
N ILE B 41 -15.16 7.51 25.10
CA ILE B 41 -13.72 7.67 25.00
C ILE B 41 -13.40 9.14 24.80
N LEU B 42 -12.78 9.75 25.80
CA LEU B 42 -12.48 11.18 25.77
C LEU B 42 -11.02 11.43 26.17
N MET B 51 -1.39 7.90 34.15
CA MET B 51 -1.54 6.61 33.48
C MET B 51 -1.72 5.47 34.49
N TYR B 52 -1.44 4.24 34.07
CA TYR B 52 -1.74 3.05 34.86
C TYR B 52 -1.60 1.78 34.02
N ALA B 53 -1.60 0.63 34.69
CA ALA B 53 -1.55 -0.66 34.01
C ALA B 53 -2.41 -1.69 34.75
N THR B 54 -2.51 -2.88 34.16
CA THR B 54 -3.40 -3.93 34.67
C THR B 54 -2.68 -5.26 34.81
N ILE B 55 -2.75 -5.83 36.01
CA ILE B 55 -2.16 -7.14 36.31
C ILE B 55 -3.25 -8.19 36.36
N TYR B 56 -3.10 -9.23 35.54
CA TYR B 56 -4.07 -10.32 35.45
C TYR B 56 -3.48 -11.62 36.02
N GLU B 57 -3.79 -11.91 37.27
CA GLU B 57 -3.29 -13.11 37.94
C GLU B 57 -4.17 -14.30 37.58
N LEU B 58 -3.60 -15.25 36.83
CA LEU B 58 -4.32 -16.46 36.42
C LEU B 58 -4.45 -17.44 37.59
N ASP B 61 -7.08 -22.18 39.34
CA ASP B 61 -8.45 -22.55 38.99
C ASP B 61 -8.88 -22.24 37.54
N LYS B 62 -8.04 -21.49 36.81
CA LYS B 62 -8.28 -21.15 35.40
C LYS B 62 -8.91 -19.76 35.21
N SER B 63 -9.46 -19.20 36.27
CA SER B 63 -10.03 -17.85 36.22
C SER B 63 -8.94 -16.79 36.27
N TYR B 64 -9.33 -15.52 36.21
CA TYR B 64 -8.38 -14.40 36.21
C TYR B 64 -8.84 -13.25 37.09
N ASN B 65 -8.23 -13.14 38.27
CA ASN B 65 -8.44 -11.99 39.16
C ASN B 65 -7.62 -10.81 38.65
N VAL B 66 -8.30 -9.79 38.15
CA VAL B 66 -7.64 -8.63 37.55
C VAL B 66 -7.58 -7.45 38.51
N THR B 67 -6.41 -6.86 38.66
CA THR B 67 -6.23 -5.66 39.48
C THR B 67 -5.47 -4.60 38.68
N SER B 68 -6.00 -3.38 38.71
CA SER B 68 -5.47 -2.28 37.90
C SER B 68 -4.85 -1.19 38.78
N VAL B 69 -3.53 -1.16 38.83
CA VAL B 69 -2.80 -0.14 39.56
C VAL B 69 -2.78 1.17 38.77
N LEU B 70 -3.25 2.24 39.41
CA LEU B 70 -3.31 3.56 38.77
C LEU B 70 -2.98 4.65 39.77
N PHE B 71 -2.20 5.63 39.34
CA PHE B 71 -1.86 6.79 40.16
C PHE B 71 -2.96 7.84 40.06
N ARG B 72 -3.67 8.06 41.16
CA ARG B 72 -4.75 9.06 41.22
C ARG B 72 -4.69 9.84 42.53
N LYS B 73 -4.93 11.15 42.47
CA LYS B 73 -4.91 12.02 43.64
C LYS B 73 -3.54 12.04 44.36
N LYS B 74 -2.47 11.85 43.57
CA LYS B 74 -1.10 11.82 44.09
C LYS B 74 -0.80 10.67 45.05
N LYS B 75 -1.69 9.68 45.11
CA LYS B 75 -1.50 8.50 45.97
C LYS B 75 -2.12 7.30 45.27
N CYS B 76 -1.30 6.29 45.02
CA CYS B 76 -1.69 5.15 44.21
C CYS B 76 -3.02 4.53 44.62
N ASP B 77 -4.03 4.70 43.77
CA ASP B 77 -5.40 4.23 44.04
C ASP B 77 -5.54 2.75 43.76
N TYR B 78 -6.50 2.12 44.46
CA TYR B 78 -6.74 0.69 44.37
C TYR B 78 -8.07 0.39 43.67
N TRP B 79 -8.08 -0.67 42.86
CA TRP B 79 -9.29 -1.08 42.13
C TRP B 79 -9.13 -2.49 41.57
N ILE B 80 -9.98 -3.42 42.02
CA ILE B 80 -9.89 -4.83 41.64
C ILE B 80 -11.22 -5.36 41.10
N ARG B 81 -11.13 -6.41 40.27
CA ARG B 81 -12.30 -7.03 39.66
C ARG B 81 -11.97 -8.42 39.12
N THR B 82 -12.96 -9.32 39.10
CA THR B 82 -12.75 -10.69 38.67
C THR B 82 -13.21 -10.90 37.23
N PHE B 83 -12.36 -11.53 36.42
CA PHE B 83 -12.68 -11.83 35.01
C PHE B 83 -12.89 -13.34 34.86
N VAL B 84 -14.14 -13.75 34.61
CA VAL B 84 -14.50 -15.16 34.51
C VAL B 84 -14.45 -15.63 33.05
N PRO B 85 -13.70 -16.72 32.76
CA PRO B 85 -13.64 -17.33 31.44
C PRO B 85 -14.99 -17.48 30.74
N GLY B 86 -15.01 -17.17 29.45
CA GLY B 86 -16.23 -17.20 28.66
C GLY B 86 -16.48 -18.55 28.01
N SER B 87 -17.33 -18.53 27.00
CA SER B 87 -17.75 -19.71 26.27
C SER B 87 -16.60 -20.25 25.43
N GLN B 88 -15.94 -19.33 24.73
CA GLN B 88 -14.75 -19.65 23.95
C GLN B 88 -13.56 -18.96 24.60
N PRO B 89 -12.39 -19.61 24.60
CA PRO B 89 -11.20 -18.97 25.17
C PRO B 89 -10.93 -17.59 24.57
N GLY B 90 -10.62 -16.63 25.43
CA GLY B 90 -10.41 -15.24 25.01
C GLY B 90 -11.55 -14.34 25.46
N GLU B 91 -12.72 -14.92 25.71
CA GLU B 91 -13.89 -14.18 26.18
C GLU B 91 -14.00 -14.25 27.70
N PHE B 92 -14.36 -13.13 28.32
CA PHE B 92 -14.50 -13.06 29.78
C PHE B 92 -15.74 -12.25 30.19
N THR B 93 -16.34 -12.66 31.30
CA THR B 93 -17.44 -11.91 31.93
C THR B 93 -16.97 -11.33 33.25
N LEU B 94 -17.70 -10.34 33.77
CA LEU B 94 -17.36 -9.72 35.06
C LEU B 94 -17.50 -10.73 36.20
N GLY B 95 -16.87 -10.43 37.33
CA GLY B 95 -16.86 -11.34 38.49
C GLY B 95 -18.21 -11.40 39.18
N ASN B 96 -18.29 -10.82 40.38
CA ASN B 96 -19.56 -10.70 41.08
C ASN B 96 -20.39 -9.60 40.45
N ILE B 97 -20.98 -9.91 39.29
CA ILE B 97 -21.76 -8.94 38.51
C ILE B 97 -22.87 -8.27 39.33
N LYS B 98 -23.44 -9.03 40.26
CA LYS B 98 -24.46 -8.51 41.17
C LYS B 98 -23.90 -7.49 42.17
N SER B 99 -22.60 -7.55 42.43
CA SER B 99 -21.94 -6.65 43.38
C SER B 99 -21.62 -5.27 42.79
N TYR B 100 -21.84 -5.08 41.49
CA TYR B 100 -21.68 -3.79 40.83
C TYR B 100 -23.06 -3.19 40.54
N PRO B 101 -23.52 -2.23 41.36
CA PRO B 101 -24.84 -1.64 41.15
C PRO B 101 -24.94 -0.84 39.85
N GLY B 102 -25.82 -1.27 38.94
CA GLY B 102 -26.01 -0.63 37.65
C GLY B 102 -25.66 -1.54 36.48
N LEU B 103 -24.58 -2.31 36.64
CA LEU B 103 -24.08 -3.19 35.59
C LEU B 103 -25.06 -4.33 35.29
N THR B 104 -25.76 -4.21 34.17
CA THR B 104 -26.69 -5.24 33.70
C THR B 104 -25.94 -6.37 32.99
N SER B 105 -25.03 -6.00 32.10
CA SER B 105 -24.22 -6.97 31.34
C SER B 105 -22.78 -6.49 31.23
N TYR B 106 -21.85 -7.44 31.05
CA TYR B 106 -20.43 -7.13 30.90
C TYR B 106 -19.72 -8.23 30.11
N LEU B 107 -18.87 -7.82 29.18
CA LEU B 107 -18.13 -8.75 28.32
C LEU B 107 -16.70 -8.27 28.06
N VAL B 108 -15.76 -9.22 28.00
CA VAL B 108 -14.36 -8.91 27.73
C VAL B 108 -13.79 -9.92 26.74
N ARG B 109 -13.66 -9.51 25.48
CA ARG B 109 -13.18 -10.38 24.42
C ARG B 109 -11.79 -9.97 23.95
N VAL B 110 -10.87 -10.93 23.91
CA VAL B 110 -9.52 -10.71 23.40
C VAL B 110 -9.53 -10.81 21.87
N VAL B 111 -9.22 -9.70 21.20
CA VAL B 111 -9.22 -9.65 19.73
C VAL B 111 -7.90 -10.14 19.14
N SER B 112 -6.80 -9.57 19.64
CA SER B 112 -5.46 -9.88 19.15
C SER B 112 -4.53 -10.18 20.33
N THR B 113 -3.58 -11.07 20.12
CA THR B 113 -2.68 -11.48 21.19
C THR B 113 -1.40 -12.14 20.68
N ASN B 114 -0.29 -11.40 20.77
CA ASN B 114 1.04 -11.96 20.57
C ASN B 114 1.61 -12.48 21.89
N TYR B 115 0.99 -12.09 23.00
CA TYR B 115 1.35 -12.57 24.34
C TYR B 115 2.62 -11.89 24.88
N ASN B 116 3.72 -12.03 24.16
CA ASN B 116 5.02 -11.51 24.58
C ASN B 116 5.22 -10.01 24.33
N GLN B 117 4.34 -9.39 23.53
CA GLN B 117 4.51 -7.98 23.17
C GLN B 117 3.16 -7.28 22.98
N HIS B 118 2.43 -7.66 21.93
CA HIS B 118 1.20 -6.96 21.55
C HIS B 118 -0.06 -7.70 21.99
N ALA B 119 -1.17 -6.96 22.05
CA ALA B 119 -2.47 -7.52 22.37
C ALA B 119 -3.58 -6.59 21.91
N MET B 120 -4.84 -7.01 22.10
CA MET B 120 -6.00 -6.18 21.76
C MET B 120 -7.26 -6.74 22.42
N VAL B 121 -7.65 -6.17 23.56
CA VAL B 121 -8.80 -6.64 24.32
C VAL B 121 -9.97 -5.65 24.26
N PHE B 122 -11.14 -6.15 23.88
CA PHE B 122 -12.36 -5.32 23.80
C PHE B 122 -13.18 -5.49 25.06
N PHE B 123 -13.68 -4.37 25.60
CA PHE B 123 -14.55 -4.38 26.78
C PHE B 123 -15.96 -3.93 26.43
N LYS B 124 -16.95 -4.74 26.78
CA LYS B 124 -18.36 -4.41 26.60
C LYS B 124 -19.04 -4.31 27.97
N LYS B 125 -19.94 -3.34 28.12
CA LYS B 125 -20.59 -3.09 29.41
C LYS B 125 -21.95 -2.40 29.26
N VAL B 126 -23.01 -3.11 29.64
CA VAL B 126 -24.35 -2.52 29.72
C VAL B 126 -24.61 -2.03 31.15
N SER B 127 -24.52 -0.71 31.33
CA SER B 127 -24.68 -0.10 32.65
C SER B 127 -25.65 1.08 32.61
N GLN B 128 -26.59 1.11 33.55
CA GLN B 128 -27.61 2.17 33.65
C GLN B 128 -28.50 2.20 32.41
N ASN B 129 -29.00 1.02 32.02
CA ASN B 129 -29.86 0.88 30.85
C ASN B 129 -29.26 1.52 29.60
N ARG B 130 -27.94 1.36 29.43
CA ARG B 130 -27.21 1.97 28.32
C ARG B 130 -25.93 1.18 28.02
N GLU B 131 -25.69 0.91 26.74
CA GLU B 131 -24.52 0.15 26.31
C GLU B 131 -23.32 1.07 26.06
N TYR B 132 -22.22 0.78 26.77
CA TYR B 132 -20.96 1.48 26.57
C TYR B 132 -19.84 0.45 26.37
N PHE B 133 -18.73 0.89 25.79
CA PHE B 133 -17.62 -0.02 25.49
C PHE B 133 -16.29 0.70 25.32
N LYS B 134 -15.20 -0.07 25.41
CA LYS B 134 -13.86 0.46 25.20
C LYS B 134 -12.90 -0.66 24.79
N ILE B 135 -11.91 -0.31 23.97
CA ILE B 135 -10.87 -1.25 23.55
C ILE B 135 -9.53 -0.73 24.01
N THR B 136 -8.68 -1.64 24.49
CA THR B 136 -7.34 -1.28 24.96
C THR B 136 -6.25 -1.92 24.12
N LEU B 137 -5.18 -1.15 23.86
CA LEU B 137 -3.97 -1.66 23.24
C LEU B 137 -3.05 -2.13 24.35
N TYR B 138 -2.94 -3.45 24.50
CA TYR B 138 -2.13 -4.04 25.57
C TYR B 138 -0.70 -4.27 25.10
N GLY B 139 0.22 -3.48 25.64
CA GLY B 139 1.65 -3.56 25.32
C GLY B 139 2.44 -4.20 26.44
N ARG B 140 3.35 -5.09 26.09
CA ARG B 140 4.24 -5.73 27.07
C ARG B 140 5.27 -4.74 27.59
N THR B 141 5.87 -3.98 26.67
CA THR B 141 6.78 -2.89 27.02
C THR B 141 5.98 -1.70 27.55
N LYS B 142 6.49 -0.48 27.34
CA LYS B 142 5.77 0.72 27.77
C LYS B 142 5.37 1.65 26.61
N GLU B 143 5.75 1.27 25.39
CA GLU B 143 5.20 1.91 24.18
C GLU B 143 5.36 1.00 22.96
N GLU B 147 5.10 0.69 13.53
CA GLU B 147 4.31 1.64 14.31
C GLU B 147 4.19 1.21 15.78
N LEU B 148 3.57 2.06 16.59
CA LEU B 148 3.32 1.77 18.00
C LEU B 148 2.03 2.43 18.47
N LYS B 149 0.95 2.19 17.73
CA LYS B 149 -0.35 2.83 17.97
C LYS B 149 -1.27 2.76 16.75
N GLU B 150 -0.68 2.88 15.55
CA GLU B 150 -1.45 2.81 14.31
C GLU B 150 -2.26 1.52 14.24
N ASN B 151 -1.67 0.44 14.77
CA ASN B 151 -2.39 -0.81 14.97
C ASN B 151 -3.80 -0.57 15.55
N PHE B 152 -3.86 0.27 16.58
CA PHE B 152 -5.11 0.53 17.31
C PHE B 152 -6.02 1.55 16.65
N ILE B 153 -5.45 2.67 16.21
CA ILE B 153 -6.24 3.78 15.66
C ILE B 153 -7.05 3.30 14.45
N ARG B 154 -6.41 2.46 13.63
CA ARG B 154 -7.08 1.82 12.49
C ARG B 154 -8.27 1.00 12.96
N PHE B 155 -8.07 0.27 14.06
CA PHE B 155 -9.09 -0.60 14.64
C PHE B 155 -10.23 0.16 15.31
N SER B 156 -9.90 1.26 16.00
CA SER B 156 -10.89 2.07 16.71
C SER B 156 -11.96 2.61 15.76
N LYS B 157 -11.51 3.33 14.72
CA LYS B 157 -12.40 3.86 13.69
C LYS B 157 -13.25 2.76 13.03
N SER B 158 -12.71 1.55 12.97
CA SER B 158 -13.43 0.40 12.42
C SER B 158 -14.67 0.02 13.23
N LEU B 159 -14.65 0.31 14.52
CA LEU B 159 -15.80 0.07 15.40
C LEU B 159 -16.64 1.33 15.59
N GLY B 160 -16.45 2.32 14.72
CA GLY B 160 -17.13 3.61 14.84
C GLY B 160 -16.59 4.38 16.02
N LEU B 161 -15.25 4.43 16.13
CA LEU B 161 -14.56 5.13 17.22
C LEU B 161 -13.67 6.23 16.65
N PRO B 162 -14.24 7.43 16.49
CA PRO B 162 -13.58 8.65 16.06
C PRO B 162 -12.48 9.20 16.97
N GLU B 163 -11.76 10.20 16.45
CA GLU B 163 -11.06 11.21 17.24
C GLU B 163 -10.37 10.68 18.50
N VAL B 167 -7.41 8.25 22.47
CA VAL B 167 -6.55 8.56 23.61
C VAL B 167 -5.38 7.57 23.71
N PHE B 168 -4.19 8.10 24.03
CA PHE B 168 -2.98 7.29 24.14
C PHE B 168 -2.25 7.61 25.45
N PRO B 169 -2.49 6.81 26.50
CA PRO B 169 -1.80 7.05 27.78
C PRO B 169 -0.28 6.98 27.68
N VAL B 170 0.39 8.05 28.09
CA VAL B 170 1.85 8.09 28.10
C VAL B 170 2.40 7.49 29.40
N PRO B 171 3.61 6.91 29.35
CA PRO B 171 4.17 6.18 30.50
C PRO B 171 4.37 6.96 31.79
N ILE B 172 4.48 6.22 32.88
CA ILE B 172 4.88 6.74 34.19
C ILE B 172 5.57 5.60 34.96
N ASP B 173 6.24 5.94 36.06
CA ASP B 173 7.01 4.96 36.84
C ASP B 173 6.44 4.67 38.23
N GLN B 174 5.45 5.44 38.65
CA GLN B 174 4.91 5.35 40.00
C GLN B 174 3.88 4.22 40.12
N CYS B 175 4.20 3.21 40.94
CA CYS B 175 3.31 2.07 41.25
C CYS B 175 3.04 1.10 40.11
N ILE B 176 2.71 1.61 38.93
CA ILE B 176 2.49 0.77 37.75
C ILE B 176 3.69 -0.11 37.43
N ASP B 177 4.88 0.33 37.83
CA ASP B 177 6.14 -0.35 37.51
C ASP B 177 6.46 -1.45 38.53
N GLY B 178 6.56 -1.08 39.80
CA GLY B 178 6.89 -2.03 40.86
C GLY B 178 5.70 -2.86 41.27
N SER C 3 4.07 -31.28 -28.99
CA SER C 3 4.03 -31.86 -30.36
C SER C 3 2.71 -31.53 -31.07
N THR C 4 1.80 -32.50 -31.10
CA THR C 4 0.43 -32.29 -31.56
C THR C 4 -0.54 -32.56 -30.40
N SER C 5 0.01 -32.63 -29.19
CA SER C 5 -0.73 -33.06 -28.01
C SER C 5 -1.75 -32.01 -27.57
N ASP C 6 -2.66 -32.43 -26.70
CA ASP C 6 -3.73 -31.56 -26.22
C ASP C 6 -3.17 -30.46 -25.33
N LEU C 7 -3.84 -29.32 -25.32
CA LEU C 7 -3.38 -28.15 -24.58
C LEU C 7 -4.40 -27.66 -23.57
N ILE C 8 -3.92 -27.24 -22.41
CA ILE C 8 -4.76 -26.54 -21.46
C ILE C 8 -5.15 -25.24 -22.13
N PRO C 9 -6.45 -24.93 -22.20
CA PRO C 9 -6.89 -23.75 -22.95
C PRO C 9 -6.36 -22.45 -22.37
N ALA C 10 -6.13 -21.47 -23.25
CA ALA C 10 -5.70 -20.15 -22.83
C ALA C 10 -6.82 -19.52 -22.01
N PRO C 11 -6.47 -18.80 -20.94
CA PRO C 11 -7.52 -18.17 -20.15
C PRO C 11 -8.17 -17.03 -20.92
N PRO C 12 -9.41 -16.67 -20.56
CA PRO C 12 -9.94 -15.42 -21.10
C PRO C 12 -9.12 -14.25 -20.56
N LEU C 13 -8.83 -13.27 -21.42
CA LEU C 13 -7.97 -12.14 -21.02
C LEU C 13 -8.50 -11.39 -19.80
N SER C 14 -9.81 -11.47 -19.56
CA SER C 14 -10.43 -10.90 -18.37
C SER C 14 -9.82 -11.42 -17.07
N LYS C 15 -9.31 -12.66 -17.08
CA LYS C 15 -8.62 -13.24 -15.93
C LYS C 15 -7.12 -12.91 -15.87
N VAL C 16 -6.62 -12.15 -16.83
CA VAL C 16 -5.22 -11.72 -16.84
C VAL C 16 -5.16 -10.20 -16.62
N PRO C 17 -4.83 -9.78 -15.38
CA PRO C 17 -4.76 -8.34 -15.08
C PRO C 17 -3.72 -7.60 -15.92
N LEU C 18 -3.98 -6.32 -16.16
CA LEU C 18 -3.01 -5.43 -16.78
C LEU C 18 -2.48 -4.50 -15.71
N GLN C 19 -1.17 -4.45 -15.56
CA GLN C 19 -0.52 -3.51 -14.63
C GLN C 19 -1.03 -2.10 -14.91
N GLN C 20 -1.54 -1.44 -13.88
CA GLN C 20 -2.05 -0.08 -14.00
C GLN C 20 -0.91 0.90 -14.25
N ASN C 21 -1.16 1.92 -15.06
CA ASN C 21 -0.20 3.00 -15.35
C ASN C 21 1.20 2.48 -15.66
N PHE C 22 1.28 1.53 -16.58
CA PHE C 22 2.55 0.88 -16.88
C PHE C 22 3.60 1.91 -17.30
N GLN C 23 4.79 1.77 -16.72
CA GLN C 23 5.90 2.68 -16.98
C GLN C 23 6.98 1.95 -17.75
N ASP C 24 7.00 2.19 -19.06
CA ASP C 24 7.89 1.45 -19.96
C ASP C 24 9.38 1.64 -19.65
N ASN C 25 9.74 2.84 -19.20
CA ASN C 25 11.14 3.14 -18.85
C ASN C 25 11.60 2.44 -17.57
N GLN C 26 10.74 2.38 -16.57
CA GLN C 26 11.05 1.70 -15.32
C GLN C 26 11.14 0.19 -15.48
N PHE C 27 10.44 -0.36 -16.47
CA PHE C 27 10.41 -1.80 -16.69
C PHE C 27 11.64 -2.33 -17.43
N GLN C 28 12.38 -1.46 -18.09
CA GLN C 28 13.48 -1.90 -18.95
C GLN C 28 14.67 -2.38 -18.14
N GLY C 29 15.57 -3.09 -18.80
CA GLY C 29 16.74 -3.68 -18.15
C GLY C 29 16.65 -5.20 -18.09
N LYS C 30 17.49 -5.80 -17.25
CA LYS C 30 17.59 -7.24 -17.14
C LYS C 30 16.57 -7.82 -16.14
N TRP C 31 15.94 -8.92 -16.54
CA TRP C 31 15.08 -9.69 -15.65
C TRP C 31 15.52 -11.15 -15.70
N TYR C 32 15.73 -11.76 -14.53
CA TYR C 32 15.96 -13.20 -14.45
C TYR C 32 14.63 -13.91 -14.35
N VAL C 33 14.48 -14.99 -15.10
CA VAL C 33 13.26 -15.79 -15.05
C VAL C 33 13.36 -16.80 -13.91
N VAL C 34 12.82 -16.41 -12.75
CA VAL C 34 12.94 -17.24 -11.55
C VAL C 34 11.72 -18.15 -11.38
N GLY C 35 10.71 -17.94 -12.21
CA GLY C 35 9.52 -18.78 -12.24
C GLY C 35 8.94 -18.82 -13.64
N LEU C 36 8.56 -20.01 -14.10
CA LEU C 36 8.06 -20.21 -15.44
C LEU C 36 6.85 -21.14 -15.37
N ALA C 37 5.75 -20.72 -15.97
CA ALA C 37 4.54 -21.54 -16.03
C ALA C 37 3.84 -21.33 -17.37
N GLY C 38 3.09 -22.34 -17.80
CA GLY C 38 2.38 -22.27 -19.07
C GLY C 38 1.92 -23.63 -19.57
N ASN C 39 1.05 -23.62 -20.58
CA ASN C 39 0.47 -24.86 -21.09
C ASN C 39 1.43 -25.74 -21.90
N ALA C 40 2.55 -25.17 -22.35
CA ALA C 40 3.61 -25.97 -22.98
C ALA C 40 4.85 -26.09 -22.08
N ILE C 41 4.72 -25.70 -20.81
CA ILE C 41 5.80 -25.83 -19.82
C ILE C 41 5.55 -27.06 -18.95
N LEU C 42 6.57 -27.89 -18.77
CA LEU C 42 6.48 -29.09 -17.93
C LEU C 42 7.68 -29.26 -17.02
N ARG C 43 7.43 -29.73 -15.81
CA ARG C 43 8.49 -30.01 -14.83
C ARG C 43 9.33 -31.19 -15.29
N GLU C 44 10.65 -31.11 -15.05
CA GLU C 44 11.59 -32.15 -15.49
C GLU C 44 12.63 -32.46 -14.41
N ASP C 45 12.43 -33.58 -13.70
CA ASP C 45 13.37 -34.04 -12.67
C ASP C 45 14.74 -34.38 -13.25
N LYS C 46 14.75 -35.13 -14.36
CA LYS C 46 16.00 -35.62 -14.96
C LYS C 46 16.92 -34.50 -15.46
N ASP C 47 16.31 -33.41 -15.93
CA ASP C 47 17.05 -32.24 -16.41
C ASP C 47 16.27 -30.98 -16.06
N PRO C 48 16.44 -30.47 -14.83
CA PRO C 48 15.71 -29.28 -14.40
C PRO C 48 16.00 -28.07 -15.27
N GLN C 49 14.95 -27.30 -15.57
CA GLN C 49 15.04 -26.07 -16.34
C GLN C 49 16.11 -25.15 -15.75
N LYS C 50 17.04 -24.68 -16.59
CA LYS C 50 18.07 -23.75 -16.16
C LYS C 50 17.56 -22.33 -16.27
N MET C 51 17.93 -21.50 -15.30
CA MET C 51 17.52 -20.11 -15.29
C MET C 51 18.14 -19.36 -16.47
N TYR C 52 17.29 -18.64 -17.20
CA TYR C 52 17.75 -17.73 -18.24
C TYR C 52 17.38 -16.30 -17.84
N ALA C 53 17.74 -15.34 -18.68
CA ALA C 53 17.42 -13.94 -18.42
C ALA C 53 16.82 -13.31 -19.65
N THR C 54 16.08 -12.23 -19.45
CA THR C 54 15.54 -11.43 -20.55
C THR C 54 15.84 -9.96 -20.31
N ILE C 55 16.39 -9.30 -21.32
CA ILE C 55 16.78 -7.90 -21.24
C ILE C 55 15.84 -7.08 -22.10
N TYR C 56 15.15 -6.12 -21.48
CA TYR C 56 14.24 -5.23 -22.20
C TYR C 56 14.93 -3.89 -22.41
N GLU C 57 15.06 -3.47 -23.66
CA GLU C 57 15.70 -2.21 -23.99
C GLU C 57 14.73 -1.31 -24.74
N LEU C 58 14.45 -0.15 -24.15
CA LEU C 58 13.45 0.77 -24.66
C LEU C 58 14.02 1.56 -25.84
N LYS C 59 13.42 1.41 -27.01
CA LYS C 59 13.81 2.19 -28.18
C LYS C 59 13.13 3.55 -28.16
N GLU C 60 13.74 4.51 -28.85
CA GLU C 60 13.21 5.88 -28.92
C GLU C 60 11.81 5.95 -29.54
N ASP C 61 11.48 4.99 -30.40
CA ASP C 61 10.11 4.84 -30.92
C ASP C 61 9.17 4.13 -29.93
N LYS C 62 9.65 3.93 -28.70
CA LYS C 62 8.87 3.36 -27.59
C LYS C 62 8.51 1.88 -27.72
N SER C 63 9.21 1.16 -28.58
CA SER C 63 9.10 -0.29 -28.63
CA SER C 63 9.12 -0.29 -28.66
C SER C 63 10.29 -0.88 -27.90
N TYR C 64 10.23 -2.16 -27.58
CA TYR C 64 11.32 -2.83 -26.89
C TYR C 64 12.09 -3.73 -27.83
N ASN C 65 13.42 -3.65 -27.76
CA ASN C 65 14.27 -4.74 -28.22
C ASN C 65 14.41 -5.68 -27.03
N VAL C 66 13.96 -6.92 -27.21
CA VAL C 66 13.91 -7.90 -26.13
C VAL C 66 14.90 -9.00 -26.42
N THR C 67 15.83 -9.24 -25.50
CA THR C 67 16.86 -10.25 -25.68
C THR C 67 16.85 -11.24 -24.52
N SER C 68 16.67 -12.51 -24.85
CA SER C 68 16.75 -13.58 -23.85
C SER C 68 18.07 -14.31 -24.01
N VAL C 69 18.68 -14.64 -22.87
CA VAL C 69 19.98 -15.30 -22.82
C VAL C 69 19.87 -16.58 -22.01
N LEU C 70 20.14 -17.70 -22.65
CA LEU C 70 20.03 -19.03 -22.04
C LEU C 70 21.36 -19.77 -22.14
N PHE C 71 21.57 -20.74 -21.25
CA PHE C 71 22.73 -21.61 -21.32
C PHE C 71 22.26 -22.99 -21.75
N ARG C 72 22.52 -23.32 -23.02
CA ARG C 72 21.96 -24.51 -23.65
C ARG C 72 23.00 -25.15 -24.58
N LYS C 73 23.03 -26.48 -24.57
CA LYS C 73 24.02 -27.25 -25.33
C LYS C 73 25.43 -26.68 -25.14
N LYS C 74 25.79 -26.42 -23.89
CA LYS C 74 27.12 -25.94 -23.53
C LYS C 74 27.47 -24.53 -24.06
N LYS C 75 26.53 -23.90 -24.77
CA LYS C 75 26.74 -22.58 -25.34
C LYS C 75 25.74 -21.58 -24.77
N CYS C 76 26.03 -20.30 -24.99
CA CYS C 76 25.10 -19.22 -24.66
C CYS C 76 24.25 -18.91 -25.87
N ASP C 77 22.93 -19.13 -25.75
CA ASP C 77 22.00 -18.80 -26.82
C ASP C 77 21.39 -17.43 -26.58
N TYR C 78 21.23 -16.67 -27.66
CA TYR C 78 20.66 -15.34 -27.62
C TYR C 78 19.49 -15.25 -28.60
N TRP C 79 18.32 -14.89 -28.09
CA TRP C 79 17.10 -14.85 -28.88
C TRP C 79 16.53 -13.44 -28.77
N ILE C 80 16.52 -12.72 -29.90
CA ILE C 80 16.16 -11.30 -29.93
C ILE C 80 14.91 -11.05 -30.77
N ARG C 81 14.00 -10.24 -30.22
CA ARG C 81 12.79 -9.85 -30.93
C ARG C 81 12.33 -8.46 -30.50
N THR C 82 11.29 -7.95 -31.17
CA THR C 82 10.75 -6.62 -30.89
C THR C 82 9.32 -6.69 -30.35
N PHE C 83 9.11 -6.08 -29.18
CA PHE C 83 7.77 -5.90 -28.64
C PHE C 83 7.29 -4.50 -28.97
N VAL C 84 6.29 -4.42 -29.85
CA VAL C 84 5.68 -3.15 -30.23
C VAL C 84 4.54 -2.86 -29.27
N PRO C 85 4.35 -1.59 -28.86
CA PRO C 85 3.28 -1.28 -27.91
C PRO C 85 1.89 -1.63 -28.45
N GLY C 86 1.08 -2.26 -27.60
CA GLY C 86 -0.23 -2.76 -28.01
C GLY C 86 -1.35 -1.77 -27.78
N SER C 87 -2.55 -2.30 -27.56
CA SER C 87 -3.75 -1.48 -27.45
C SER C 87 -3.77 -0.64 -26.17
N GLN C 88 -3.29 -1.20 -25.07
CA GLN C 88 -3.17 -0.50 -23.79
C GLN C 88 -1.71 -0.54 -23.31
N PRO C 89 -1.26 0.50 -22.59
CA PRO C 89 0.12 0.51 -22.09
C PRO C 89 0.41 -0.68 -21.19
N GLY C 90 1.52 -1.38 -21.44
CA GLY C 90 1.83 -2.61 -20.72
C GLY C 90 1.52 -3.86 -21.53
N GLU C 91 0.74 -3.70 -22.59
CA GLU C 91 0.56 -4.76 -23.59
C GLU C 91 1.47 -4.54 -24.78
N PHE C 92 1.87 -5.63 -25.43
CA PHE C 92 2.74 -5.58 -26.59
C PHE C 92 2.40 -6.64 -27.61
N THR C 93 2.59 -6.29 -28.87
CA THR C 93 2.47 -7.23 -29.97
C THR C 93 3.88 -7.51 -30.49
N LEU C 94 4.05 -8.60 -31.23
CA LEU C 94 5.37 -8.94 -31.77
C LEU C 94 5.63 -8.15 -33.05
N GLY C 95 6.77 -7.49 -33.11
CA GLY C 95 7.17 -6.77 -34.32
C GLY C 95 7.56 -7.76 -35.41
N ASN C 96 7.22 -7.44 -36.65
CA ASN C 96 7.59 -8.24 -37.82
C ASN C 96 7.15 -9.71 -37.67
N ILE C 97 5.89 -9.90 -37.32
CA ILE C 97 5.36 -11.25 -37.06
C ILE C 97 5.48 -12.18 -38.28
N LYS C 98 5.38 -11.61 -39.48
CA LYS C 98 5.41 -12.40 -40.71
C LYS C 98 6.72 -13.15 -40.91
N SER C 99 7.80 -12.61 -40.35
CA SER C 99 9.10 -13.26 -40.39
C SER C 99 9.22 -14.45 -39.41
N TYR C 100 8.15 -14.77 -38.69
CA TYR C 100 8.12 -15.92 -37.80
C TYR C 100 7.19 -16.97 -38.39
N PRO C 101 7.74 -18.12 -38.82
CA PRO C 101 6.92 -19.04 -39.59
C PRO C 101 5.82 -19.69 -38.75
N GLY C 102 4.59 -19.65 -39.26
CA GLY C 102 3.46 -20.26 -38.57
C GLY C 102 2.88 -19.43 -37.44
N LEU C 103 3.45 -18.24 -37.21
CA LEU C 103 3.02 -17.39 -36.11
C LEU C 103 1.99 -16.38 -36.58
N THR C 104 0.73 -16.62 -36.24
CA THR C 104 -0.38 -15.77 -36.66
C THR C 104 -0.81 -14.76 -35.61
N SER C 105 -0.31 -14.91 -34.38
CA SER C 105 -0.69 -14.02 -33.29
C SER C 105 0.32 -14.08 -32.14
N TYR C 106 0.49 -12.96 -31.47
CA TYR C 106 1.40 -12.86 -30.33
C TYR C 106 0.99 -11.69 -29.43
N LEU C 107 0.85 -11.96 -28.14
CA LEU C 107 0.43 -10.94 -27.20
C LEU C 107 1.29 -11.01 -25.96
N VAL C 108 1.75 -9.86 -25.50
CA VAL C 108 2.40 -9.74 -24.20
C VAL C 108 1.56 -8.81 -23.35
N ARG C 109 1.38 -9.18 -22.08
CA ARG C 109 0.73 -8.31 -21.11
C ARG C 109 1.45 -8.39 -19.78
N VAL C 110 1.97 -7.26 -19.33
CA VAL C 110 2.57 -7.19 -17.99
C VAL C 110 1.43 -7.17 -16.98
N VAL C 111 1.39 -8.20 -16.14
CA VAL C 111 0.30 -8.36 -15.18
C VAL C 111 0.53 -7.48 -13.97
N SER C 112 1.70 -7.64 -13.36
CA SER C 112 2.08 -6.82 -12.22
C SER C 112 3.58 -6.66 -12.17
N THR C 113 4.03 -5.53 -11.65
CA THR C 113 5.44 -5.29 -11.42
C THR C 113 5.65 -4.14 -10.44
N ASN C 114 6.67 -4.25 -9.60
CA ASN C 114 7.14 -3.12 -8.81
C ASN C 114 8.39 -2.49 -9.44
N TYR C 115 8.80 -3.03 -10.58
CA TYR C 115 9.90 -2.50 -11.40
C TYR C 115 11.32 -2.75 -10.85
N ASN C 116 11.51 -2.60 -9.54
CA ASN C 116 12.84 -2.75 -8.92
C ASN C 116 13.18 -4.16 -8.45
N GLN C 117 12.17 -4.97 -8.14
CA GLN C 117 12.41 -6.33 -7.63
C GLN C 117 11.85 -7.40 -8.55
N HIS C 118 10.54 -7.34 -8.81
CA HIS C 118 9.85 -8.44 -9.47
C HIS C 118 8.80 -8.00 -10.48
N ALA C 119 8.38 -8.95 -11.29
CA ALA C 119 7.34 -8.72 -12.29
C ALA C 119 6.74 -10.04 -12.75
N MET C 120 5.46 -10.01 -13.10
CA MET C 120 4.79 -11.15 -13.71
C MET C 120 4.30 -10.69 -15.07
N VAL C 121 4.60 -11.48 -16.09
CA VAL C 121 4.23 -11.14 -17.44
C VAL C 121 3.53 -12.31 -18.12
N PHE C 122 2.41 -12.00 -18.78
CA PHE C 122 1.62 -12.98 -19.50
C PHE C 122 1.97 -12.93 -20.98
N PHE C 123 2.20 -14.09 -21.56
CA PHE C 123 2.49 -14.21 -22.99
C PHE C 123 1.48 -15.15 -23.62
N LYS C 124 1.01 -14.81 -24.81
CA LYS C 124 0.11 -15.66 -25.57
C LYS C 124 0.47 -15.62 -27.04
N LYS C 125 0.52 -16.79 -27.68
CA LYS C 125 0.76 -16.87 -29.12
C LYS C 125 -0.07 -17.97 -29.74
N VAL C 126 -0.39 -17.79 -31.02
CA VAL C 126 -1.00 -18.86 -31.81
C VAL C 126 0.01 -19.27 -32.88
N SER C 127 0.60 -20.45 -32.68
CA SER C 127 1.60 -20.98 -33.60
C SER C 127 1.09 -22.33 -34.12
N GLN C 128 1.11 -22.49 -35.45
CA GLN C 128 0.54 -23.67 -36.11
C GLN C 128 -0.92 -23.88 -35.66
N ASN C 129 -1.68 -22.78 -35.61
CA ASN C 129 -3.07 -22.77 -35.12
C ASN C 129 -3.27 -23.36 -33.71
N ARG C 130 -2.20 -23.45 -32.93
CA ARG C 130 -2.26 -23.91 -31.55
C ARG C 130 -2.02 -22.72 -30.62
N GLU C 131 -2.89 -22.54 -29.64
CA GLU C 131 -2.81 -21.39 -28.76
C GLU C 131 -1.99 -21.70 -27.50
N TYR C 132 -0.75 -21.21 -27.47
CA TYR C 132 0.14 -21.36 -26.33
C TYR C 132 0.08 -20.11 -25.46
N PHE C 133 0.18 -20.31 -24.14
CA PHE C 133 0.35 -19.20 -23.21
C PHE C 133 1.34 -19.57 -22.12
N LYS C 134 2.04 -18.57 -21.60
CA LYS C 134 2.92 -18.76 -20.47
C LYS C 134 2.92 -17.54 -19.57
N ILE C 135 3.31 -17.76 -18.31
CA ILE C 135 3.53 -16.68 -17.37
C ILE C 135 4.97 -16.79 -16.89
N THR C 136 5.71 -15.69 -17.01
CA THR C 136 7.05 -15.61 -16.45
C THR C 136 7.00 -14.83 -15.14
N LEU C 137 7.67 -15.36 -14.12
CA LEU C 137 7.92 -14.63 -12.87
C LEU C 137 9.30 -14.03 -13.05
N TYR C 138 9.36 -12.70 -13.13
CA TYR C 138 10.64 -12.01 -13.32
C TYR C 138 11.23 -11.57 -11.98
N GLY C 139 12.55 -11.71 -11.86
CA GLY C 139 13.29 -11.22 -10.70
C GLY C 139 14.45 -10.34 -11.14
N ARG C 140 14.65 -9.24 -10.43
CA ARG C 140 15.78 -8.35 -10.70
C ARG C 140 17.08 -9.02 -10.24
N THR C 141 16.94 -9.94 -9.29
CA THR C 141 18.02 -10.86 -8.92
C THR C 141 17.57 -12.30 -9.21
N LYS C 142 18.48 -13.26 -9.01
CA LYS C 142 18.19 -14.68 -9.27
C LYS C 142 17.30 -15.34 -8.21
N GLU C 143 17.11 -14.68 -7.07
CA GLU C 143 16.28 -15.21 -6.00
C GLU C 143 15.06 -14.34 -5.78
N LEU C 144 13.96 -14.96 -5.34
CA LEU C 144 12.79 -14.22 -4.86
C LEU C 144 12.17 -14.94 -3.67
N THR C 145 11.41 -14.18 -2.88
CA THR C 145 10.81 -14.67 -1.65
C THR C 145 9.77 -15.75 -1.90
N SER C 146 9.52 -16.57 -0.88
CA SER C 146 8.43 -17.53 -0.88
C SER C 146 7.10 -16.84 -1.18
N GLU C 147 6.96 -15.62 -0.67
CA GLU C 147 5.76 -14.81 -0.84
C GLU C 147 5.44 -14.68 -2.33
N LEU C 148 6.41 -14.18 -3.08
CA LEU C 148 6.24 -13.96 -4.53
C LEU C 148 6.12 -15.28 -5.27
N LYS C 149 6.91 -16.28 -4.85
CA LYS C 149 6.81 -17.63 -5.39
C LYS C 149 5.38 -18.19 -5.24
N GLU C 150 4.84 -18.12 -4.03
CA GLU C 150 3.47 -18.58 -3.77
C GLU C 150 2.43 -17.76 -4.51
N ASN C 151 2.71 -16.46 -4.68
CA ASN C 151 1.80 -15.57 -5.41
C ASN C 151 1.74 -15.95 -6.89
N PHE C 152 2.88 -16.38 -7.42
CA PHE C 152 3.01 -16.77 -8.81
C PHE C 152 2.34 -18.12 -9.08
N ILE C 153 2.54 -19.08 -8.17
CA ILE C 153 1.88 -20.39 -8.26
C ILE C 153 0.35 -20.21 -8.21
N ARG C 154 -0.09 -19.32 -7.34
CA ARG C 154 -1.52 -19.06 -7.14
CA ARG C 154 -1.51 -19.07 -7.15
C ARG C 154 -2.15 -18.43 -8.39
N PHE C 155 -1.43 -17.52 -9.03
CA PHE C 155 -1.91 -16.86 -10.25
C PHE C 155 -1.92 -17.83 -11.44
N SER C 156 -0.84 -18.60 -11.57
CA SER C 156 -0.73 -19.63 -12.60
C SER C 156 -1.91 -20.60 -12.53
N LYS C 157 -2.23 -21.04 -11.32
CA LYS C 157 -3.35 -21.94 -11.08
C LYS C 157 -4.70 -21.29 -11.41
N SER C 158 -4.83 -19.99 -11.16
CA SER C 158 -6.07 -19.26 -11.47
C SER C 158 -6.30 -19.16 -12.98
N LEU C 159 -5.27 -19.44 -13.77
CA LEU C 159 -5.40 -19.54 -15.23
C LEU C 159 -5.54 -20.99 -15.69
N GLY C 160 -5.70 -21.91 -14.74
CA GLY C 160 -5.99 -23.31 -15.04
C GLY C 160 -4.77 -24.20 -15.23
N LEU C 161 -3.61 -23.73 -14.79
CA LEU C 161 -2.38 -24.52 -14.88
C LEU C 161 -2.19 -25.33 -13.60
N PRO C 162 -1.95 -26.65 -13.74
CA PRO C 162 -1.64 -27.47 -12.56
C PRO C 162 -0.19 -27.33 -12.15
N GLU C 163 0.17 -27.90 -11.00
CA GLU C 163 1.51 -27.75 -10.43
C GLU C 163 2.65 -28.19 -11.36
N ASN C 164 2.45 -29.26 -12.12
CA ASN C 164 3.51 -29.79 -12.99
C ASN C 164 3.76 -28.93 -14.24
N HIS C 165 2.89 -27.94 -14.45
CA HIS C 165 3.10 -26.92 -15.49
C HIS C 165 3.68 -25.61 -14.93
N ILE C 166 4.31 -25.69 -13.76
CA ILE C 166 4.91 -24.54 -13.08
C ILE C 166 6.33 -24.88 -12.63
N VAL C 167 7.30 -24.26 -13.28
CA VAL C 167 8.72 -24.55 -13.04
C VAL C 167 9.44 -23.36 -12.39
N PHE C 168 10.43 -23.66 -11.57
CA PHE C 168 11.27 -22.64 -10.96
C PHE C 168 12.72 -22.90 -11.33
N PRO C 169 13.17 -22.30 -12.46
CA PRO C 169 14.51 -22.55 -13.00
C PRO C 169 15.61 -22.40 -11.96
N VAL C 170 16.54 -23.36 -11.95
CA VAL C 170 17.64 -23.36 -10.98
C VAL C 170 18.62 -22.25 -11.37
N PRO C 171 19.07 -21.45 -10.40
CA PRO C 171 20.06 -20.42 -10.71
C PRO C 171 21.34 -20.98 -11.31
N ILE C 172 21.89 -20.26 -12.30
CA ILE C 172 23.19 -20.58 -12.87
C ILE C 172 24.00 -19.28 -13.03
N ASP C 173 25.29 -19.40 -13.27
CA ASP C 173 26.15 -18.24 -13.51
C ASP C 173 26.51 -18.09 -14.99
N GLN C 174 26.51 -19.21 -15.73
CA GLN C 174 26.85 -19.19 -17.15
C GLN C 174 25.86 -18.40 -17.99
N CYS C 175 26.39 -17.48 -18.79
CA CYS C 175 25.66 -16.70 -19.80
C CYS C 175 24.85 -15.52 -19.29
N ILE C 176 24.14 -15.70 -18.18
CA ILE C 176 23.13 -14.76 -17.73
C ILE C 176 23.65 -13.66 -16.79
N ASP C 177 24.93 -13.71 -16.44
CA ASP C 177 25.54 -12.67 -15.61
C ASP C 177 26.46 -11.79 -16.42
O4 DBS D . -1.82 24.62 -6.05
C4 DBS D . -1.98 24.97 -4.74
C7 DBS D . -0.86 25.16 -3.95
C1 DBS D . -3.24 24.92 -4.17
O1 DBS D . -4.32 24.74 -5.00
C16 DBS D . -3.40 25.07 -2.79
C13 DBS D . -2.27 25.25 -2.00
C10 DBS D . -1.01 25.30 -2.57
C19 DBS D . -4.76 25.03 -2.16
O7 DBS D . -4.83 24.80 -0.95
N1 DBS D . -5.84 25.24 -2.90
C22 DBS D . -7.22 25.22 -2.41
C28 DBS D . -7.72 26.67 -2.29
O13 DBS D . -6.85 27.60 -2.94
C25 DBS D . -8.08 24.40 -3.35
O10 DBS D . -8.33 24.86 -4.50
O15 DBS D . -8.50 23.30 -2.97
O17 DBH E . -8.89 23.01 -6.96
C21 DBH E . -8.38 21.88 -7.15
O9 DBH E . -8.95 20.83 -6.77
C18 DBH E . -7.06 21.77 -7.86
C15 DBH E . -6.81 20.68 -8.69
C12 DBH E . -5.60 20.56 -9.36
C3 DBH E . -6.09 22.75 -7.71
O3 DBH E . -6.32 23.82 -6.91
C6 DBH E . -4.87 22.65 -8.38
C9 DBH E . -4.62 21.55 -9.19
O6 DBH E . -3.92 23.61 -8.21
O17 DBH F . -7.71 28.35 -7.80
C21 DBH F . -7.00 28.77 -8.74
O9 DBH F . -7.49 29.37 -9.72
C18 DBH F . -5.52 28.55 -8.69
C15 DBH F . -4.65 29.55 -9.14
C12 DBH F . -3.28 29.36 -9.11
C3 DBH F . -4.99 27.37 -8.19
O3 DBH F . -5.82 26.38 -7.73
C6 DBH F . -3.62 27.18 -8.14
C9 DBH F . -2.76 28.17 -8.60
O6 DBH F . -3.11 26.02 -7.66
C1 GOL G . 7.07 -3.33 -2.13
O1 GOL G . 8.11 -2.65 -2.82
C2 GOL G . 5.94 -3.66 -3.09
O2 GOL G . 6.01 -2.82 -4.23
C3 GOL G . 5.99 -5.13 -3.51
O3 GOL G . 5.04 -5.42 -4.52
C1 GOL H . -2.89 3.70 -18.23
O1 GOL H . -2.87 4.80 -19.11
C2 GOL H . -3.49 4.08 -16.87
O2 GOL H . -4.13 5.32 -16.94
C3 GOL H . -4.49 3.03 -16.40
O3 GOL H . -3.86 1.79 -16.16
NA NA I . -1.42 17.95 -7.91
S SO4 J . -1.11 -2.73 3.25
O1 SO4 J . -0.83 -3.96 2.51
O2 SO4 J . 0.14 -2.09 3.64
O3 SO4 J . -1.89 -1.83 2.40
O4 SO4 J . -1.88 -3.06 4.45
C1 MCK K . 5.08 -19.63 -25.03
C2 MCK K . 5.93 -18.68 -25.59
C3 MCK K . 5.45 -17.45 -25.97
C4 MCK K . 4.10 -17.12 -25.82
C5 MCK K . 3.25 -18.06 -25.27
C6 MCK K . 3.73 -19.31 -24.87
C7 MCK K . 5.57 -20.97 -24.59
O8 MCK K . 4.77 -21.87 -24.40
N9 MCK K . 6.88 -21.16 -24.37
O10 MCK K . 7.27 -18.95 -25.76
O11 MCK K . 6.30 -16.54 -26.51
C12 MCK K . 7.42 -22.35 -23.74
C13 MCK K . 8.82 -22.13 -23.21
C14 MCK K . 7.38 -23.55 -24.69
O15 MCK K . 8.41 -23.42 -25.67
O16 MCK K . 9.55 -23.09 -23.00
O17 MCK K . 9.30 -20.79 -22.95
C18 MCK K . 10.56 -20.51 -22.34
C19 MCK K . 11.51 -19.78 -23.30
N20 MCK K . 10.80 -19.42 -24.52
C21 MCK K . 12.73 -20.60 -23.58
O22 MCK K . 13.55 -20.82 -22.69
O23 MCK K . 12.99 -21.14 -24.90
C24 MCK K . 8.11 -23.53 -27.09
O25 MCK K . 8.49 -22.62 -27.83
C26 MCK K . 7.37 -24.70 -27.66
N27 MCK K . 7.19 -25.74 -26.66
C28 MCK K . 6.01 -24.29 -28.19
C29 MCK K . 11.16 -18.41 -25.30
O30 MCK K . 12.15 -17.73 -25.08
C31 MCK K . 10.30 -18.10 -26.50
C32 MCK K . 10.14 -19.02 -27.53
C33 MCK K . 9.33 -18.73 -28.62
C34 MCK K . 8.68 -17.49 -28.68
C35 MCK K . 8.84 -16.57 -27.66
C36 MCK K . 9.64 -16.88 -26.56
O37 MCK K . 10.77 -20.23 -27.47
O38 MCK K . 9.18 -19.62 -29.63
O45 MCK K . 5.54 -25.29 -29.10
C1 GOL L . 0.64 -9.91 -33.63
O1 GOL L . 1.65 -9.59 -32.70
C2 GOL L . -0.66 -9.22 -33.25
O2 GOL L . -1.16 -8.48 -34.34
C3 GOL L . -1.70 -10.26 -32.82
O3 GOL L . -1.24 -10.94 -31.67
C1 GOL M . 15.27 4.15 -32.21
O1 GOL M . 14.04 3.49 -32.41
C2 GOL M . 16.24 3.25 -31.45
O2 GOL M . 16.95 2.45 -32.36
C3 GOL M . 17.24 4.09 -30.65
O3 GOL M . 16.79 4.28 -29.32
C1 GOL N . 20.45 -28.71 -22.47
O1 GOL N . 19.77 -28.30 -21.30
C2 GOL N . 21.95 -28.70 -22.23
O2 GOL N . 22.34 -27.44 -21.73
C3 GOL N . 22.36 -29.79 -21.24
O3 GOL N . 23.74 -30.08 -21.33
C1 GOL O . 31.86 -25.50 -33.40
O1 GOL O . 31.75 -25.50 -32.00
C2 GOL O . 30.79 -24.60 -34.01
O2 GOL O . 30.50 -23.54 -33.12
C3 GOL O . 31.27 -24.02 -35.34
O3 GOL O . 30.32 -23.11 -35.87
C1 GOL P . 11.69 -25.56 -6.77
O1 GOL P . 10.44 -25.45 -6.13
C2 GOL P . 11.71 -26.78 -7.69
O2 GOL P . 11.47 -27.94 -6.92
C3 GOL P . 10.64 -26.65 -8.79
O3 GOL P . 11.19 -26.49 -10.08
NA NA Q . 10.83 -14.24 -21.20
CL CL R . -1.35 -32.28 -17.50
#